data_6RZ7
#
_entry.id   6RZ7
#
_cell.length_a   81.830
_cell.length_b   142.070
_cell.length_c   171.160
_cell.angle_alpha   90.00
_cell.angle_beta   90.00
_cell.angle_gamma   90.00
#
_symmetry.space_group_name_H-M   'F 2 2 2'
#
loop_
_entity.id
_entity.type
_entity.pdbx_description
1 polymer 'Cysteinyl leukotriene receptor 2,Soluble cytochrome b562,Cysteinyl leukotriene receptor 2'
2 non-polymer '(2~{S})-8-[[4-[4-(2-chloranyl-5-fluoranyl-phenyl)butoxy]phenyl]carbonylamino]-4-(4-oxidanyl-4-oxidanylidene-butyl)-2,3- dihydro-1,4-benzoxazine-2-carboxylic acid'
3 non-polymer CHOLESTEROL
4 non-polymer '(2R)-2,3-dihydroxypropyl (9Z)-octadec-9-enoate'
5 non-polymer 'OLEIC ACID'
6 non-polymer 'TRIETHYLENE GLYCOL'
7 water water
#
_entity_poly.entity_id   1
_entity_poly.type   'polypeptide(L)'
_entity_poly.pdbx_seq_one_letter_code
;MEPNGTFSNNNSRNCTIENFKREFFPIVYLIIFFVGVLGNGLSIYVFLQPYKKSTSVNVFMLNLAISNLLFISTLPFRAD
YYLRGSNWIFGDLACRIMSYSLYVNMYSSIYFLTVLSVVRYLAMVHPFRLLHVTSIRSAWILCGIIWILIMASSIMLLDS
GSEQNGSVTSCLELNLYKIAKLQTMNYIALVVGCLLPFFTLSICYLLIIRVLLKVEADLEDNWETLNDNLKVIEKADNAA
QVKDALTKMRAAALDAQKATPPKLEDKSPDSPEMKDFRHGFDILVGQIDDALKLANEGKVKEAQAAAEQLKTTRNAYIQK
YLVSHRKALTTIIITLIIFFLCFLPYHTLRTVHLTTWKVGLCKDRLHKALVITLALAAANACFNPLLYYFAGENFKDRLK
SALRK
;
_entity_poly.pdbx_strand_id   A
#
# COMPACT_ATOMS: atom_id res chain seq x y z
N CYS A 15 -0.32 8.07 39.20
CA CYS A 15 -1.15 8.69 38.16
C CYS A 15 -2.19 7.71 37.57
N THR A 16 -3.39 8.25 37.26
CA THR A 16 -4.50 7.46 36.73
C THR A 16 -4.14 6.75 35.44
N ILE A 17 -3.32 7.40 34.62
CA ILE A 17 -2.92 6.85 33.33
C ILE A 17 -2.18 5.52 33.49
N GLU A 18 -1.57 5.29 34.66
CA GLU A 18 -0.83 4.04 34.87
C GLU A 18 -1.79 2.85 35.03
N ASN A 19 -2.84 3.02 35.84
CA ASN A 19 -3.87 2.00 35.89
C ASN A 19 -4.49 1.82 34.51
N PHE A 20 -4.77 2.92 33.82
CA PHE A 20 -5.35 2.81 32.49
C PHE A 20 -4.48 1.95 31.57
N LYS A 21 -3.18 2.23 31.53
CA LYS A 21 -2.27 1.47 30.67
C LYS A 21 -2.24 0.00 31.06
N ARG A 22 -2.22 -0.29 32.37
CA ARG A 22 -2.21 -1.67 32.80
C ARG A 22 -3.48 -2.41 32.37
N GLU A 23 -4.61 -1.71 32.27
CA GLU A 23 -5.79 -2.41 31.79
C GLU A 23 -5.86 -2.44 30.26
N PHE A 24 -5.29 -1.44 29.61
CA PHE A 24 -5.46 -1.19 28.18
C PHE A 24 -4.44 -1.93 27.32
N PHE A 25 -3.16 -1.68 27.54
CA PHE A 25 -2.16 -2.28 26.67
C PHE A 25 -2.19 -3.81 26.60
N PRO A 26 -2.32 -4.58 27.71
CA PRO A 26 -2.34 -6.04 27.53
C PRO A 26 -3.40 -6.48 26.53
N ILE A 27 -4.58 -5.86 26.56
CA ILE A 27 -5.67 -6.26 25.68
C ILE A 27 -5.34 -5.90 24.23
N VAL A 28 -4.97 -4.64 23.97
CA VAL A 28 -4.76 -4.20 22.58
C VAL A 28 -3.53 -4.87 21.98
N TYR A 29 -2.44 -4.95 22.75
CA TYR A 29 -1.23 -5.60 22.26
C TYR A 29 -1.49 -7.06 21.91
N LEU A 30 -2.16 -7.78 22.79
CA LEU A 30 -2.37 -9.20 22.50
C LEU A 30 -3.36 -9.40 21.36
N ILE A 31 -4.36 -8.52 21.20
CA ILE A 31 -5.19 -8.58 20.01
C ILE A 31 -4.35 -8.32 18.76
N ILE A 32 -3.47 -7.31 18.82
CA ILE A 32 -2.64 -7.01 17.67
C ILE A 32 -1.73 -8.17 17.35
N PHE A 33 -1.18 -8.81 18.38
CA PHE A 33 -0.37 -10.01 18.20
C PHE A 33 -1.15 -11.10 17.46
N PHE A 34 -2.36 -11.42 17.95
CA PHE A 34 -3.12 -12.53 17.38
C PHE A 34 -3.51 -12.26 15.93
N VAL A 35 -4.06 -11.08 15.67
CA VAL A 35 -4.45 -10.71 14.32
C VAL A 35 -3.22 -10.59 13.40
N GLY A 36 -2.09 -10.15 13.98
CA GLY A 36 -0.93 -9.83 13.16
C GLY A 36 -0.09 -11.03 12.79
N VAL A 37 0.06 -11.99 13.72
CA VAL A 37 0.71 -13.25 13.38
C VAL A 37 -0.05 -13.96 12.27
N LEU A 38 -1.37 -14.06 12.41
CA LEU A 38 -2.19 -14.71 11.39
C LEU A 38 -2.06 -13.99 10.05
N GLY A 39 -2.43 -12.71 10.01
CA GLY A 39 -2.39 -11.97 8.76
C GLY A 39 -1.01 -11.95 8.11
N ASN A 40 0.05 -11.73 8.89
CA ASN A 40 1.36 -11.62 8.28
C ASN A 40 1.94 -12.98 7.92
N GLY A 41 1.77 -14.01 8.75
CA GLY A 41 2.26 -15.32 8.37
C GLY A 41 1.58 -15.82 7.11
N LEU A 42 0.26 -15.64 7.03
CA LEU A 42 -0.45 -16.01 5.83
C LEU A 42 0.02 -15.19 4.62
N SER A 43 0.17 -13.87 4.78
CA SER A 43 0.63 -13.01 3.69
C SER A 43 2.01 -13.41 3.22
N ILE A 44 2.95 -13.59 4.16
CA ILE A 44 4.31 -13.99 3.84
C ILE A 44 4.32 -15.33 3.13
N TYR A 45 3.48 -16.27 3.59
CA TYR A 45 3.38 -17.54 2.89
C TYR A 45 2.95 -17.30 1.45
N VAL A 46 1.96 -16.43 1.22
CA VAL A 46 1.50 -16.17 -0.14
C VAL A 46 2.59 -15.49 -0.98
N PHE A 47 3.30 -14.52 -0.39
CA PHE A 47 4.37 -13.81 -1.09
C PHE A 47 5.49 -14.75 -1.52
N LEU A 48 5.80 -15.75 -0.68
CA LEU A 48 6.89 -16.66 -1.01
C LEU A 48 6.50 -17.72 -2.03
N GLN A 49 5.22 -17.87 -2.34
CA GLN A 49 4.88 -18.89 -3.30
C GLN A 49 5.05 -18.34 -4.72
N PRO A 50 5.42 -19.19 -5.68
CA PRO A 50 5.73 -18.67 -7.03
C PRO A 50 4.49 -18.19 -7.77
N TYR A 51 4.59 -16.97 -8.30
CA TYR A 51 3.52 -16.35 -9.09
C TYR A 51 4.17 -15.72 -10.31
N LYS A 52 3.74 -16.15 -11.50
CA LYS A 52 4.47 -15.84 -12.72
C LYS A 52 4.56 -14.34 -12.95
N LYS A 53 3.42 -13.64 -12.90
CA LYS A 53 3.34 -12.21 -13.21
C LYS A 53 3.52 -11.35 -11.96
N SER A 54 4.56 -11.63 -11.18
CA SER A 54 4.81 -10.95 -9.91
C SER A 54 5.76 -9.78 -10.13
N THR A 55 5.36 -8.59 -9.67
CA THR A 55 6.06 -7.35 -9.91
C THR A 55 6.90 -7.00 -8.66
N SER A 56 7.61 -5.88 -8.71
CA SER A 56 8.37 -5.42 -7.54
C SER A 56 7.47 -5.13 -6.34
N VAL A 57 6.19 -4.85 -6.58
CA VAL A 57 5.24 -4.69 -5.48
C VAL A 57 5.39 -5.83 -4.49
N ASN A 58 5.49 -7.06 -5.01
CA ASN A 58 5.64 -8.25 -4.18
C ASN A 58 6.82 -8.14 -3.23
N VAL A 59 7.91 -7.53 -3.68
CA VAL A 59 9.05 -7.37 -2.79
C VAL A 59 8.70 -6.43 -1.64
N PHE A 60 8.13 -5.26 -1.96
CA PHE A 60 7.96 -4.26 -0.91
C PHE A 60 6.96 -4.77 0.13
N MET A 61 5.83 -5.31 -0.32
CA MET A 61 4.88 -5.95 0.57
C MET A 61 5.54 -6.98 1.46
N LEU A 62 6.37 -7.84 0.86
CA LEU A 62 7.04 -8.87 1.63
C LEU A 62 7.92 -8.26 2.71
N ASN A 63 8.70 -7.24 2.36
CA ASN A 63 9.53 -6.60 3.37
C ASN A 63 8.67 -6.02 4.47
N LEU A 64 7.58 -5.37 4.08
CA LEU A 64 6.69 -4.82 5.08
C LEU A 64 6.16 -5.93 5.97
N ALA A 65 5.71 -7.02 5.34
CA ALA A 65 5.13 -8.10 6.13
C ALA A 65 6.16 -8.60 7.14
N ILE A 66 7.42 -8.76 6.70
CA ILE A 66 8.40 -9.36 7.59
C ILE A 66 8.67 -8.43 8.75
N SER A 67 8.76 -7.12 8.48
CA SER A 67 9.05 -6.16 9.54
C SER A 67 7.95 -6.20 10.57
N ASN A 68 6.71 -6.23 10.07
CA ASN A 68 5.49 -6.22 10.86
C ASN A 68 5.47 -7.49 11.78
N LEU A 69 5.93 -8.61 11.23
CA LEU A 69 5.91 -9.83 11.99
C LEU A 69 6.99 -9.79 13.05
N LEU A 70 8.17 -9.28 12.70
CA LEU A 70 9.21 -9.19 13.71
C LEU A 70 8.76 -8.29 14.84
N PHE A 71 8.08 -7.19 14.49
CA PHE A 71 7.61 -6.33 15.57
C PHE A 71 6.55 -7.04 16.39
N ILE A 72 5.66 -7.80 15.72
CA ILE A 72 4.61 -8.48 16.45
C ILE A 72 5.20 -9.47 17.43
N SER A 73 6.38 -10.05 17.13
CA SER A 73 6.90 -11.02 18.08
C SER A 73 7.28 -10.39 19.42
N THR A 74 7.32 -9.07 19.52
CA THR A 74 7.63 -8.43 20.78
C THR A 74 6.39 -8.08 21.58
N LEU A 75 5.20 -8.08 20.98
CA LEU A 75 4.04 -7.59 21.73
C LEU A 75 3.67 -8.43 22.95
N PRO A 76 3.87 -9.76 22.95
CA PRO A 76 3.67 -10.49 24.22
C PRO A 76 4.51 -9.94 25.37
N PHE A 77 5.77 -9.60 25.11
CA PHE A 77 6.64 -9.13 26.18
C PHE A 77 6.13 -7.80 26.74
N ARG A 78 5.74 -6.87 25.86
CA ARG A 78 5.08 -5.65 26.30
C ARG A 78 3.84 -5.97 27.12
N ALA A 79 3.00 -6.89 26.62
CA ALA A 79 1.81 -7.27 27.36
C ALA A 79 2.22 -7.73 28.75
N ASP A 80 3.27 -8.55 28.82
CA ASP A 80 3.70 -9.08 30.10
C ASP A 80 4.01 -7.94 31.06
N TYR A 81 4.75 -6.95 30.57
CA TYR A 81 5.14 -5.81 31.38
C TYR A 81 3.95 -5.22 32.10
N TYR A 82 2.83 -5.05 31.40
CA TYR A 82 1.71 -4.38 32.06
C TYR A 82 0.90 -5.33 32.91
N LEU A 83 0.82 -6.61 32.54
CA LEU A 83 0.15 -7.57 33.42
C LEU A 83 0.83 -7.67 34.77
N ARG A 84 2.12 -7.39 34.86
CA ARG A 84 2.83 -7.45 36.13
C ARG A 84 2.75 -6.16 36.92
N GLY A 85 1.90 -5.22 36.52
CA GLY A 85 1.91 -3.93 37.18
C GLY A 85 3.04 -3.02 36.76
N SER A 86 3.41 -3.03 35.48
CA SER A 86 4.44 -2.16 34.92
C SER A 86 5.83 -2.53 35.46
N ASN A 87 6.13 -3.83 35.41
CA ASN A 87 7.40 -4.36 35.90
C ASN A 87 8.04 -5.24 34.85
N TRP A 88 9.24 -4.86 34.45
CA TRP A 88 10.00 -5.56 33.42
C TRP A 88 10.88 -6.59 34.11
N ILE A 89 10.59 -7.87 33.87
CA ILE A 89 11.35 -8.95 34.51
C ILE A 89 12.41 -9.50 33.58
N PHE A 90 12.37 -9.15 32.30
CA PHE A 90 13.38 -9.56 31.35
C PHE A 90 14.57 -8.64 31.55
N GLY A 91 15.62 -8.80 30.77
CA GLY A 91 16.82 -8.03 31.05
C GLY A 91 16.83 -6.64 30.43
N ASP A 92 17.96 -5.96 30.64
CA ASP A 92 18.21 -4.67 30.00
C ASP A 92 18.24 -4.78 28.48
N LEU A 93 18.88 -5.83 27.95
CA LEU A 93 19.00 -5.98 26.50
C LEU A 93 17.65 -6.17 25.84
N ALA A 94 16.81 -7.04 26.42
CA ALA A 94 15.46 -7.21 25.88
C ALA A 94 14.68 -5.91 25.96
N CYS A 95 14.93 -5.10 26.99
CA CYS A 95 14.26 -3.82 27.12
C CYS A 95 14.69 -2.86 26.00
N ARG A 96 15.97 -2.84 25.68
CA ARG A 96 16.44 -1.99 24.58
C ARG A 96 15.89 -2.47 23.25
N ILE A 97 15.82 -3.78 23.08
CA ILE A 97 15.25 -4.35 21.87
C ILE A 97 13.79 -3.97 21.72
N MET A 98 13.06 -3.82 22.83
CA MET A 98 11.68 -3.40 22.72
C MET A 98 11.58 -2.10 21.94
N SER A 99 12.30 -1.07 22.41
CA SER A 99 12.31 0.22 21.72
C SER A 99 12.89 0.09 20.31
N TYR A 100 13.95 -0.70 20.16
CA TYR A 100 14.61 -0.78 18.86
C TYR A 100 13.64 -1.33 17.82
N SER A 101 13.00 -2.46 18.13
CA SER A 101 12.02 -3.07 17.25
C SER A 101 10.86 -2.12 16.97
N LEU A 102 10.34 -1.49 18.02
CA LEU A 102 9.20 -0.61 17.84
C LEU A 102 9.52 0.51 16.85
N TYR A 103 10.61 1.22 17.03
CA TYR A 103 10.81 2.34 16.13
C TYR A 103 11.35 1.90 14.77
N VAL A 104 12.17 0.84 14.69
CA VAL A 104 12.59 0.36 13.37
C VAL A 104 11.38 -0.09 12.56
N ASN A 105 10.49 -0.87 13.16
CA ASN A 105 9.31 -1.32 12.44
C ASN A 105 8.45 -0.14 12.04
N MET A 106 8.30 0.86 12.93
CA MET A 106 7.46 2.00 12.58
C MET A 106 7.98 2.71 11.33
N TYR A 107 9.25 3.08 11.33
CA TYR A 107 9.71 3.93 10.25
C TYR A 107 10.03 3.13 9.00
N SER A 108 10.45 1.87 9.15
CA SER A 108 10.54 0.99 8.00
C SER A 108 9.19 0.85 7.32
N SER A 109 8.11 0.65 8.11
CA SER A 109 6.77 0.50 7.54
C SER A 109 6.36 1.75 6.78
N ILE A 110 6.51 2.91 7.40
CA ILE A 110 6.20 4.16 6.72
C ILE A 110 6.93 4.26 5.38
N TYR A 111 8.23 3.94 5.35
CA TYR A 111 8.96 4.06 4.08
C TYR A 111 8.59 3.00 3.05
N PHE A 112 8.36 1.75 3.46
CA PHE A 112 7.91 0.75 2.50
C PHE A 112 6.55 1.12 1.92
N LEU A 113 5.66 1.69 2.75
CA LEU A 113 4.36 2.10 2.24
C LEU A 113 4.47 3.28 1.27
N THR A 114 5.31 4.26 1.60
CA THR A 114 5.58 5.36 0.69
C THR A 114 6.13 4.83 -0.63
N VAL A 115 7.10 3.93 -0.56
CA VAL A 115 7.70 3.33 -1.75
C VAL A 115 6.66 2.56 -2.56
N LEU A 116 5.73 1.89 -1.87
CA LEU A 116 4.75 1.11 -2.59
C LEU A 116 3.79 2.00 -3.35
N SER A 117 3.36 3.11 -2.73
CA SER A 117 2.51 4.03 -3.47
C SER A 117 3.24 4.65 -4.65
N VAL A 118 4.50 5.04 -4.46
CA VAL A 118 5.25 5.63 -5.56
C VAL A 118 5.40 4.64 -6.70
N VAL A 119 5.79 3.40 -6.39
CA VAL A 119 5.93 2.34 -7.38
C VAL A 119 4.61 2.14 -8.12
N ARG A 120 3.49 2.21 -7.39
CA ARG A 120 2.23 1.88 -8.03
C ARG A 120 1.79 3.01 -8.99
N TYR A 121 2.06 4.25 -8.60
CA TYR A 121 1.95 5.40 -9.51
C TYR A 121 2.84 5.26 -10.75
N LEU A 122 4.12 4.96 -10.56
CA LEU A 122 4.99 4.73 -11.69
C LEU A 122 4.44 3.62 -12.60
N ALA A 123 3.80 2.60 -12.02
CA ALA A 123 3.27 1.50 -12.82
C ALA A 123 2.11 1.95 -13.70
N MET A 124 1.20 2.76 -13.16
CA MET A 124 0.20 3.33 -14.07
C MET A 124 0.85 4.19 -15.16
N VAL A 125 1.81 5.03 -14.81
CA VAL A 125 2.40 5.90 -15.84
C VAL A 125 3.49 5.17 -16.66
N HIS A 126 4.25 4.27 -16.04
CA HIS A 126 5.23 3.42 -16.72
C HIS A 126 6.19 4.15 -17.68
N PRO A 127 6.89 5.22 -17.22
CA PRO A 127 7.83 5.80 -18.18
C PRO A 127 9.24 5.26 -17.97
N VAL A 133 10.41 0.67 -15.21
CA VAL A 133 9.86 -0.32 -14.29
C VAL A 133 10.87 -0.56 -13.17
N THR A 134 10.39 -1.06 -12.03
CA THR A 134 11.23 -1.46 -10.91
C THR A 134 11.42 -2.98 -10.99
N SER A 135 12.65 -3.41 -11.25
CA SER A 135 12.89 -4.84 -11.30
C SER A 135 12.97 -5.42 -9.90
N ILE A 136 12.90 -6.74 -9.84
CA ILE A 136 12.90 -7.45 -8.56
C ILE A 136 14.20 -7.18 -7.81
N ARG A 137 15.34 -7.38 -8.47
CA ARG A 137 16.63 -7.16 -7.82
C ARG A 137 16.76 -5.72 -7.34
N SER A 138 16.33 -4.76 -8.16
CA SER A 138 16.38 -3.38 -7.73
C SER A 138 15.48 -3.15 -6.53
N ALA A 139 14.32 -3.82 -6.48
CA ALA A 139 13.43 -3.66 -5.35
C ALA A 139 14.07 -4.19 -4.08
N TRP A 140 14.78 -5.31 -4.18
CA TRP A 140 15.51 -5.81 -3.02
C TRP A 140 16.61 -4.85 -2.60
N ILE A 141 17.33 -4.24 -3.55
CA ILE A 141 18.37 -3.28 -3.17
C ILE A 141 17.76 -2.07 -2.48
N LEU A 142 16.64 -1.57 -3.01
CA LEU A 142 16.01 -0.42 -2.38
C LEU A 142 15.53 -0.76 -0.98
N CYS A 143 14.97 -1.97 -0.79
CA CYS A 143 14.59 -2.44 0.53
C CYS A 143 15.78 -2.56 1.48
N GLY A 144 16.88 -3.15 1.01
CA GLY A 144 18.04 -3.27 1.87
C GLY A 144 18.55 -1.90 2.32
N ILE A 145 18.55 -0.94 1.40
CA ILE A 145 19.00 0.41 1.75
C ILE A 145 18.08 1.01 2.82
N ILE A 146 16.76 0.85 2.67
CA ILE A 146 15.82 1.34 3.68
C ILE A 146 16.08 0.69 5.04
N TRP A 147 16.15 -0.65 5.06
CA TRP A 147 16.50 -1.36 6.27
C TRP A 147 17.74 -0.80 6.94
N ILE A 148 18.82 -0.63 6.17
CA ILE A 148 20.09 -0.27 6.77
C ILE A 148 20.08 1.17 7.28
N LEU A 149 19.52 2.09 6.49
CA LEU A 149 19.45 3.48 6.95
C LEU A 149 18.65 3.59 8.24
N ILE A 150 17.55 2.84 8.35
CA ILE A 150 16.68 2.99 9.51
C ILE A 150 17.21 2.22 10.72
N MET A 151 17.83 1.06 10.49
CA MET A 151 18.48 0.36 11.59
C MET A 151 19.66 1.15 12.14
N ALA A 152 20.44 1.79 11.25
CA ALA A 152 21.57 2.60 11.68
C ALA A 152 21.12 3.84 12.41
N SER A 153 20.08 4.51 11.90
CA SER A 153 19.54 5.69 12.57
C SER A 153 19.02 5.39 13.98
N SER A 154 18.75 4.11 14.26
CA SER A 154 18.07 3.71 15.48
C SER A 154 18.99 3.05 16.49
N ILE A 155 20.27 2.85 16.18
CA ILE A 155 21.09 2.06 17.09
C ILE A 155 21.30 2.72 18.44
N MET A 156 21.07 4.01 18.60
CA MET A 156 21.34 4.49 19.94
C MET A 156 20.22 4.09 20.91
N LEU A 157 19.12 3.52 20.42
CA LEU A 157 18.19 2.79 21.27
C LEU A 157 18.84 1.55 21.89
N LEU A 158 20.02 1.16 21.42
CA LEU A 158 20.68 -0.04 21.90
C LEU A 158 21.97 0.29 22.63
N ASP A 159 21.91 1.11 23.68
CA ASP A 159 23.11 1.70 24.28
C ASP A 159 23.72 0.80 25.34
N SER A 160 25.00 0.46 25.15
CA SER A 160 25.72 -0.39 26.11
C SER A 160 26.23 0.45 27.28
N SER A 167 14.97 2.38 36.20
CA SER A 167 15.55 2.39 34.86
C SER A 167 14.98 1.26 34.00
N VAL A 168 15.56 0.06 34.12
CA VAL A 168 15.19 -1.04 33.22
C VAL A 168 13.93 -1.73 33.70
N THR A 169 13.78 -1.85 35.03
CA THR A 169 12.53 -2.27 35.64
C THR A 169 11.34 -1.49 35.10
N SER A 170 11.54 -0.21 34.81
CA SER A 170 10.51 0.65 34.23
C SER A 170 10.75 0.82 32.72
N CYS A 171 10.85 -0.35 32.08
CA CYS A 171 11.37 -0.47 30.73
C CYS A 171 10.69 0.47 29.74
N LEU A 172 9.37 0.46 29.70
CA LEU A 172 8.63 1.11 28.63
C LEU A 172 8.25 2.54 28.97
N GLU A 173 8.70 3.05 30.10
CA GLU A 173 8.24 4.36 30.54
C GLU A 173 9.09 5.45 29.90
N LEU A 174 8.62 6.67 30.02
CA LEU A 174 9.43 7.85 29.77
C LEU A 174 9.95 8.35 31.11
N ASN A 175 11.26 8.55 31.20
CA ASN A 175 11.86 9.11 32.42
C ASN A 175 12.73 10.30 32.07
N LEU A 176 13.21 10.98 33.13
CA LEU A 176 13.87 12.27 32.96
C LEU A 176 15.25 12.13 32.32
N TYR A 177 15.83 10.93 32.33
CA TYR A 177 17.15 10.74 31.73
C TYR A 177 17.04 10.54 30.23
N LYS A 178 15.91 10.01 29.79
CA LYS A 178 15.63 9.66 28.41
C LYS A 178 15.07 10.85 27.62
N ILE A 179 14.59 11.87 28.33
CA ILE A 179 13.74 12.91 27.72
C ILE A 179 14.55 13.86 26.85
N ALA A 180 15.77 14.18 27.27
CA ALA A 180 16.58 15.10 26.49
C ALA A 180 16.97 14.50 25.15
N LYS A 181 17.46 13.26 25.16
CA LYS A 181 17.74 12.54 23.91
C LYS A 181 16.50 12.42 23.06
N LEU A 182 15.36 12.01 23.65
CA LEU A 182 14.19 11.75 22.84
C LEU A 182 13.62 13.02 22.22
N GLN A 183 13.78 14.18 22.86
CA GLN A 183 13.35 15.42 22.21
C GLN A 183 14.10 15.64 20.90
N THR A 184 15.42 15.50 20.93
CA THR A 184 16.19 15.64 19.71
C THR A 184 15.87 14.53 18.70
N MET A 185 15.82 13.28 19.15
CA MET A 185 15.47 12.17 18.27
C MET A 185 14.12 12.38 17.63
N ASN A 186 13.17 12.95 18.39
CA ASN A 186 11.83 13.18 17.90
C ASN A 186 11.85 14.18 16.77
N TYR A 187 12.61 15.27 16.92
CA TYR A 187 12.62 16.30 15.88
C TYR A 187 12.92 15.66 14.52
N ILE A 188 13.97 14.84 14.48
CA ILE A 188 14.46 14.25 13.23
C ILE A 188 13.52 13.15 12.74
N ALA A 189 13.05 12.30 13.65
CA ALA A 189 12.15 11.23 13.22
C ALA A 189 10.81 11.78 12.77
N LEU A 190 10.31 12.81 13.45
CA LEU A 190 9.09 13.48 13.04
C LEU A 190 9.21 14.02 11.62
N VAL A 191 10.26 14.79 11.36
CA VAL A 191 10.41 15.41 10.04
C VAL A 191 10.68 14.35 8.97
N VAL A 192 11.77 13.60 9.13
CA VAL A 192 12.27 12.77 8.04
C VAL A 192 11.50 11.46 7.97
N GLY A 193 11.13 10.89 9.12
CA GLY A 193 10.45 9.61 9.16
C GLY A 193 8.93 9.65 9.10
N CYS A 194 8.29 10.81 9.30
CA CYS A 194 6.83 10.83 9.24
C CYS A 194 6.31 11.91 8.30
N LEU A 195 6.76 13.15 8.46
CA LEU A 195 6.20 14.25 7.65
C LEU A 195 6.70 14.22 6.22
N LEU A 196 7.99 13.95 6.00
CA LEU A 196 8.48 13.82 4.64
C LEU A 196 7.76 12.71 3.88
N PRO A 197 7.61 11.48 4.41
CA PRO A 197 6.88 10.45 3.66
C PRO A 197 5.42 10.77 3.46
N PHE A 198 4.77 11.41 4.44
CA PHE A 198 3.38 11.81 4.27
C PHE A 198 3.22 12.88 3.19
N PHE A 199 4.16 13.81 3.11
CA PHE A 199 4.18 14.78 2.01
C PHE A 199 4.31 14.07 0.66
N THR A 200 5.24 13.12 0.59
CA THR A 200 5.39 12.33 -0.63
C THR A 200 4.08 11.63 -0.99
N LEU A 201 3.38 11.09 0.01
CA LEU A 201 2.11 10.44 -0.23
C LEU A 201 1.07 11.44 -0.74
N SER A 202 1.05 12.65 -0.20
CA SER A 202 0.11 13.65 -0.69
C SER A 202 0.35 13.95 -2.16
N ILE A 203 1.62 14.16 -2.54
CA ILE A 203 1.96 14.37 -3.94
C ILE A 203 1.53 13.18 -4.78
N CYS A 204 1.80 11.97 -4.28
N CYS A 204 1.79 11.96 -4.28
CA CYS A 204 1.41 10.75 -4.99
CA CYS A 204 1.43 10.75 -5.02
C CYS A 204 -0.08 10.72 -5.27
C CYS A 204 -0.07 10.69 -5.27
N TYR A 205 -0.88 11.04 -4.26
CA TYR A 205 -2.32 11.06 -4.43
C TYR A 205 -2.73 12.04 -5.53
N LEU A 206 -2.22 13.26 -5.43
CA LEU A 206 -2.42 14.28 -6.45
C LEU A 206 -2.14 13.74 -7.85
N LEU A 207 -0.92 13.20 -8.04
CA LEU A 207 -0.50 12.67 -9.34
C LEU A 207 -1.39 11.53 -9.82
N ILE A 208 -1.79 10.63 -8.92
CA ILE A 208 -2.60 9.48 -9.31
C ILE A 208 -3.97 9.93 -9.78
N ILE A 209 -4.60 10.84 -9.03
CA ILE A 209 -5.90 11.40 -9.43
C ILE A 209 -5.79 12.04 -10.81
N ARG A 210 -4.74 12.84 -11.01
CA ARG A 210 -4.56 13.52 -12.29
C ARG A 210 -4.48 12.51 -13.44
N VAL A 211 -3.57 11.54 -13.32
CA VAL A 211 -3.38 10.55 -14.37
C VAL A 211 -4.66 9.76 -14.63
N LEU A 212 -5.33 9.34 -13.56
CA LEU A 212 -6.55 8.54 -13.69
C LEU A 212 -7.64 9.29 -14.43
N LEU A 213 -7.88 10.55 -14.06
CA LEU A 213 -8.94 11.31 -14.72
C LEU A 213 -8.61 11.53 -16.20
N LYS A 214 -7.36 11.86 -16.51
CA LYS A 214 -7.01 12.14 -17.90
C LYS A 214 -7.13 10.86 -18.74
N VAL A 215 -6.60 9.75 -18.23
CA VAL A 215 -6.65 8.48 -18.94
C VAL A 215 -8.09 8.00 -19.11
N GLU A 216 -8.94 8.20 -18.10
CA GLU A 216 -10.30 7.70 -18.25
C GLU A 216 -11.12 8.55 -19.20
N ALA A 217 -10.84 9.86 -19.24
CA ALA A 217 -11.44 10.69 -20.27
C ALA A 217 -11.07 10.18 -21.66
N ASP A 218 -9.79 9.85 -21.86
CA ASP A 218 -9.36 9.35 -23.17
C ASP A 218 -10.01 8.00 -23.49
N LEU A 219 -10.13 7.12 -22.50
CA LEU A 219 -10.76 5.82 -22.74
C LEU A 219 -12.23 5.97 -23.08
N GLU A 220 -12.93 6.89 -22.42
CA GLU A 220 -14.29 7.20 -22.84
C GLU A 220 -14.35 7.65 -24.28
N ASP A 221 -13.42 8.52 -24.69
CA ASP A 221 -13.49 8.99 -26.07
C ASP A 221 -13.25 7.87 -27.07
N ASN A 222 -12.27 6.99 -26.80
CA ASN A 222 -12.06 5.87 -27.70
C ASN A 222 -13.29 4.97 -27.76
N TRP A 223 -13.83 4.60 -26.59
CA TRP A 223 -15.04 3.79 -26.57
C TRP A 223 -16.15 4.43 -27.39
N GLU A 224 -16.33 5.73 -27.23
CA GLU A 224 -17.45 6.42 -27.84
C GLU A 224 -17.26 6.54 -29.36
N THR A 225 -16.04 6.79 -29.82
CA THR A 225 -15.76 6.77 -31.24
C THR A 225 -16.04 5.40 -31.83
N LEU A 226 -15.55 4.34 -31.19
CA LEU A 226 -15.80 2.99 -31.67
C LEU A 226 -17.29 2.69 -31.70
N ASN A 227 -18.03 3.13 -30.69
CA ASN A 227 -19.45 2.82 -30.65
C ASN A 227 -20.22 3.61 -31.70
N ASP A 228 -19.82 4.85 -31.95
CA ASP A 228 -20.39 5.61 -33.07
C ASP A 228 -20.25 4.83 -34.37
N ASN A 229 -19.04 4.34 -34.63
CA ASN A 229 -18.80 3.66 -35.90
C ASN A 229 -19.50 2.30 -35.95
N LEU A 230 -19.61 1.62 -34.82
CA LEU A 230 -20.35 0.35 -34.77
C LEU A 230 -21.83 0.57 -34.99
N LYS A 231 -22.37 1.68 -34.50
CA LYS A 231 -23.77 2.00 -34.77
C LYS A 231 -23.96 2.34 -36.24
N VAL A 232 -22.99 3.03 -36.84
CA VAL A 232 -23.07 3.32 -38.27
C VAL A 232 -23.08 2.03 -39.08
N ILE A 233 -22.12 1.14 -38.80
CA ILE A 233 -22.04 -0.15 -39.49
C ILE A 233 -23.29 -0.98 -39.26
N GLU A 234 -23.89 -0.88 -38.07
CA GLU A 234 -25.04 -1.72 -37.73
C GLU A 234 -26.26 -1.37 -38.57
N LYS A 235 -26.31 -0.16 -39.12
CA LYS A 235 -27.43 0.30 -39.95
C LYS A 235 -26.85 1.00 -41.20
N ALA A 236 -26.15 0.26 -42.03
CA ALA A 236 -25.49 0.80 -43.22
C ALA A 236 -26.10 0.20 -44.48
N ASP A 237 -26.18 1.01 -45.54
CA ASP A 237 -26.90 0.62 -46.74
C ASP A 237 -26.12 -0.41 -47.55
N ASN A 238 -24.83 -0.19 -47.77
CA ASN A 238 -24.05 -1.00 -48.69
C ASN A 238 -22.69 -1.31 -48.08
N ALA A 239 -21.89 -2.08 -48.82
CA ALA A 239 -20.60 -2.54 -48.29
C ALA A 239 -19.57 -1.41 -48.23
N ALA A 240 -19.65 -0.43 -49.12
CA ALA A 240 -18.71 0.68 -49.10
C ALA A 240 -18.81 1.47 -47.81
N GLN A 241 -20.03 1.74 -47.36
CA GLN A 241 -20.22 2.47 -46.12
C GLN A 241 -19.65 1.71 -44.94
N VAL A 242 -19.90 0.39 -44.88
CA VAL A 242 -19.32 -0.42 -43.81
C VAL A 242 -17.81 -0.38 -43.87
N LYS A 243 -17.24 -0.40 -45.07
CA LYS A 243 -15.79 -0.35 -45.22
C LYS A 243 -15.24 0.98 -44.68
N ASP A 244 -15.89 2.09 -45.03
CA ASP A 244 -15.44 3.40 -44.57
C ASP A 244 -15.48 3.49 -43.05
N ALA A 245 -16.58 3.02 -42.45
CA ALA A 245 -16.69 3.10 -41.00
C ALA A 245 -15.70 2.16 -40.30
N LEU A 246 -15.44 0.98 -40.88
CA LEU A 246 -14.39 0.12 -40.33
C LEU A 246 -13.02 0.77 -40.43
N THR A 247 -12.77 1.49 -41.52
CA THR A 247 -11.53 2.24 -41.65
C THR A 247 -11.40 3.28 -40.53
N LYS A 248 -12.50 4.01 -40.26
CA LYS A 248 -12.48 4.96 -39.18
C LYS A 248 -12.24 4.28 -37.84
N MET A 249 -12.81 3.08 -37.66
CA MET A 249 -12.56 2.31 -36.44
C MET A 249 -11.09 1.97 -36.29
N ARG A 250 -10.45 1.52 -37.37
CA ARG A 250 -9.02 1.22 -37.34
C ARG A 250 -8.20 2.46 -37.02
N ALA A 251 -8.62 3.62 -37.55
CA ALA A 251 -7.96 4.88 -37.22
C ALA A 251 -8.11 5.22 -35.73
N ALA A 252 -9.24 4.85 -35.13
CA ALA A 252 -9.44 5.11 -33.70
C ALA A 252 -8.67 4.12 -32.83
N ALA A 253 -8.49 2.88 -33.28
CA ALA A 253 -7.79 1.88 -32.48
C ALA A 253 -6.31 2.21 -32.34
N LEU A 254 -5.65 2.55 -33.45
CA LEU A 254 -4.32 3.16 -33.38
C LEU A 254 -4.39 4.47 -32.59
N ASP A 255 -3.64 4.54 -31.50
CA ASP A 255 -3.59 5.72 -30.64
C ASP A 255 -4.96 6.08 -30.07
N ASP A 276 -0.66 -2.69 -18.98
CA ASP A 276 0.27 -2.32 -20.04
C ASP A 276 0.36 -3.48 -21.04
N PHE A 277 -0.62 -4.39 -20.95
CA PHE A 277 -0.68 -5.56 -21.82
C PHE A 277 -1.08 -5.22 -23.25
N ARG A 278 -1.61 -4.02 -23.49
CA ARG A 278 -1.93 -3.51 -24.83
C ARG A 278 -2.80 -4.48 -25.66
N HIS A 279 -3.65 -5.26 -24.98
CA HIS A 279 -4.68 -6.08 -25.61
C HIS A 279 -4.07 -7.16 -26.53
N GLY A 280 -3.02 -7.81 -26.05
CA GLY A 280 -2.33 -8.82 -26.82
C GLY A 280 -1.86 -8.32 -28.17
N PHE A 281 -1.26 -7.13 -28.19
CA PHE A 281 -0.82 -6.45 -29.41
C PHE A 281 -2.01 -6.08 -30.30
N ASP A 282 -3.03 -5.47 -29.70
CA ASP A 282 -4.20 -4.93 -30.42
C ASP A 282 -4.97 -6.03 -31.15
N ILE A 283 -5.55 -6.94 -30.37
CA ILE A 283 -6.34 -8.03 -30.95
C ILE A 283 -7.59 -7.50 -31.61
N LEU A 284 -8.25 -6.52 -30.97
CA LEU A 284 -9.42 -5.89 -31.57
C LEU A 284 -9.06 -5.26 -32.92
N VAL A 285 -7.93 -4.55 -32.98
CA VAL A 285 -7.50 -3.92 -34.22
C VAL A 285 -7.31 -4.95 -35.33
N GLY A 286 -6.82 -6.15 -34.97
CA GLY A 286 -6.69 -7.19 -35.99
C GLY A 286 -8.01 -7.76 -36.47
N GLN A 287 -8.93 -8.02 -35.53
CA GLN A 287 -10.24 -8.53 -35.93
C GLN A 287 -10.93 -7.54 -36.86
N ILE A 288 -10.74 -6.25 -36.62
CA ILE A 288 -11.29 -5.23 -37.51
C ILE A 288 -10.75 -5.41 -38.93
N ASP A 289 -9.46 -5.75 -39.05
CA ASP A 289 -8.86 -5.97 -40.37
C ASP A 289 -9.55 -7.13 -41.09
N ASP A 290 -9.88 -8.19 -40.35
CA ASP A 290 -10.62 -9.29 -40.96
C ASP A 290 -11.99 -8.82 -41.46
N ALA A 291 -12.69 -8.04 -40.64
CA ALA A 291 -13.99 -7.50 -41.05
C ALA A 291 -13.85 -6.61 -42.28
N LEU A 292 -12.79 -5.83 -42.35
CA LEU A 292 -12.56 -4.98 -43.52
C LEU A 292 -12.30 -5.81 -44.77
N LYS A 293 -11.67 -6.98 -44.62
CA LYS A 293 -11.52 -7.88 -45.77
C LYS A 293 -12.89 -8.32 -46.30
N LEU A 294 -13.75 -8.78 -45.39
CA LEU A 294 -15.12 -9.12 -45.79
C LEU A 294 -15.82 -7.96 -46.51
N ALA A 295 -15.68 -6.75 -45.97
CA ALA A 295 -16.32 -5.59 -46.60
C ALA A 295 -15.88 -5.43 -48.05
N ASN A 296 -14.57 -5.51 -48.30
CA ASN A 296 -14.04 -5.39 -49.65
C ASN A 296 -14.37 -6.60 -50.52
N GLU A 297 -14.88 -7.69 -49.93
CA GLU A 297 -15.41 -8.80 -50.71
C GLU A 297 -16.91 -8.68 -51.00
N GLY A 298 -17.57 -7.68 -50.44
CA GLY A 298 -18.98 -7.47 -50.68
C GLY A 298 -19.92 -8.18 -49.73
N LYS A 299 -19.39 -8.79 -48.67
CA LYS A 299 -20.21 -9.54 -47.71
C LYS A 299 -20.69 -8.58 -46.63
N VAL A 300 -21.83 -7.95 -46.88
CA VAL A 300 -22.35 -6.93 -45.95
C VAL A 300 -22.82 -7.58 -44.65
N LYS A 301 -23.66 -8.62 -44.76
CA LYS A 301 -24.23 -9.23 -43.57
C LYS A 301 -23.14 -9.78 -42.66
N GLU A 302 -22.15 -10.47 -43.25
CA GLU A 302 -21.10 -11.07 -42.43
C GLU A 302 -20.18 -10.01 -41.84
N ALA A 303 -19.95 -8.90 -42.54
CA ALA A 303 -19.11 -7.83 -41.99
C ALA A 303 -19.80 -7.13 -40.82
N GLN A 304 -21.11 -6.87 -40.95
CA GLN A 304 -21.88 -6.35 -39.82
C GLN A 304 -21.86 -7.32 -38.64
N ALA A 305 -22.07 -8.61 -38.90
CA ALA A 305 -22.00 -9.60 -37.84
C ALA A 305 -20.65 -9.56 -37.13
N ALA A 306 -19.57 -9.46 -37.91
CA ALA A 306 -18.25 -9.36 -37.32
C ALA A 306 -18.12 -8.11 -36.46
N ALA A 307 -18.62 -6.97 -36.96
CA ALA A 307 -18.49 -5.73 -36.20
C ALA A 307 -19.18 -5.80 -34.85
N GLU A 308 -20.29 -6.54 -34.78
CA GLU A 308 -21.10 -6.45 -33.57
C GLU A 308 -20.53 -7.19 -32.37
N GLN A 309 -19.68 -8.20 -32.55
CA GLN A 309 -18.95 -8.74 -31.41
C GLN A 309 -17.61 -8.04 -31.18
N LEU A 310 -17.25 -7.08 -32.03
CA LEU A 310 -16.04 -6.30 -31.79
C LEU A 310 -16.26 -5.23 -30.72
N LYS A 311 -17.50 -5.05 -30.26
CA LYS A 311 -17.80 -4.09 -29.21
C LYS A 311 -17.05 -4.43 -27.92
N THR A 312 -16.91 -5.72 -27.59
CA THR A 312 -16.46 -6.11 -26.26
C THR A 312 -14.93 -6.18 -26.16
N THR A 313 -14.26 -6.58 -27.24
CA THR A 313 -12.80 -6.71 -27.23
C THR A 313 -12.10 -5.37 -27.02
N ARG A 314 -12.78 -4.26 -27.31
CA ARG A 314 -12.20 -2.94 -27.07
C ARG A 314 -12.22 -2.59 -25.58
N ASN A 315 -13.37 -2.81 -24.92
CA ASN A 315 -13.42 -2.55 -23.49
C ASN A 315 -12.53 -3.52 -22.72
N ALA A 316 -12.18 -4.66 -23.33
CA ALA A 316 -11.14 -5.53 -22.74
C ALA A 316 -9.82 -4.77 -22.58
N TYR A 317 -9.31 -4.18 -23.67
CA TYR A 317 -8.18 -3.25 -23.61
C TYR A 317 -8.36 -2.14 -22.58
N ILE A 318 -9.48 -1.41 -22.67
CA ILE A 318 -9.75 -0.32 -21.75
C ILE A 318 -9.55 -0.76 -20.30
N GLN A 319 -10.10 -1.93 -19.96
CA GLN A 319 -10.02 -2.40 -18.58
C GLN A 319 -8.63 -2.90 -18.22
N LYS A 320 -7.96 -3.60 -19.14
CA LYS A 320 -6.59 -4.02 -18.84
C LYS A 320 -5.71 -2.84 -18.48
N TYR A 321 -5.97 -1.65 -19.06
CA TYR A 321 -5.10 -0.53 -18.69
C TYR A 321 -5.73 0.38 -17.63
N LEU A 322 -7.04 0.26 -17.34
CA LEU A 322 -7.66 1.04 -16.26
C LEU A 322 -7.58 0.34 -14.91
N VAL A 323 -7.36 -0.98 -14.88
CA VAL A 323 -7.24 -1.67 -13.60
C VAL A 323 -5.98 -1.24 -12.85
N SER A 324 -4.89 -0.93 -13.57
CA SER A 324 -3.69 -0.48 -12.87
C SER A 324 -3.93 0.87 -12.21
N HIS A 325 -4.61 1.77 -12.92
CA HIS A 325 -5.00 3.04 -12.34
C HIS A 325 -5.85 2.85 -11.10
N ARG A 326 -6.78 1.89 -11.14
CA ARG A 326 -7.60 1.61 -9.96
C ARG A 326 -6.76 1.04 -8.81
N LYS A 327 -5.82 0.14 -9.12
CA LYS A 327 -4.95 -0.40 -8.07
C LYS A 327 -4.19 0.71 -7.39
N ALA A 328 -3.70 1.67 -8.17
CA ALA A 328 -2.93 2.74 -7.56
C ALA A 328 -3.82 3.66 -6.72
N LEU A 329 -5.00 4.00 -7.23
CA LEU A 329 -5.94 4.77 -6.42
C LEU A 329 -6.21 4.07 -5.09
N THR A 330 -6.48 2.75 -5.13
CA THR A 330 -6.76 1.99 -3.92
C THR A 330 -5.55 2.01 -2.98
N THR A 331 -4.36 1.76 -3.52
CA THR A 331 -3.17 1.75 -2.68
C THR A 331 -3.00 3.07 -1.97
N ILE A 332 -3.17 4.17 -2.70
CA ILE A 332 -2.91 5.47 -2.09
C ILE A 332 -3.99 5.81 -1.07
N ILE A 333 -5.25 5.46 -1.35
CA ILE A 333 -6.32 5.79 -0.40
C ILE A 333 -6.15 5.01 0.90
N ILE A 334 -5.86 3.71 0.80
CA ILE A 334 -5.64 2.93 2.00
C ILE A 334 -4.46 3.46 2.78
N THR A 335 -3.35 3.76 2.09
CA THR A 335 -2.14 4.22 2.75
C THR A 335 -2.35 5.56 3.45
N LEU A 336 -3.11 6.47 2.84
CA LEU A 336 -3.41 7.73 3.49
C LEU A 336 -4.29 7.53 4.71
N ILE A 337 -5.23 6.59 4.65
CA ILE A 337 -6.01 6.29 5.84
C ILE A 337 -5.13 5.71 6.93
N ILE A 338 -4.14 4.90 6.55
CA ILE A 338 -3.20 4.38 7.53
C ILE A 338 -2.44 5.50 8.21
N PHE A 339 -1.94 6.44 7.41
CA PHE A 339 -1.25 7.60 7.98
C PHE A 339 -2.14 8.41 8.92
N PHE A 340 -3.36 8.75 8.47
CA PHE A 340 -4.21 9.56 9.33
C PHE A 340 -4.62 8.83 10.59
N LEU A 341 -4.80 7.50 10.51
CA LEU A 341 -5.23 6.74 11.68
C LEU A 341 -4.06 6.43 12.61
N CYS A 342 -2.96 5.92 12.05
CA CYS A 342 -1.91 5.27 12.83
C CYS A 342 -0.73 6.17 13.16
N PHE A 343 -0.34 7.06 12.25
CA PHE A 343 0.95 7.70 12.47
C PHE A 343 0.86 9.19 12.77
N LEU A 344 -0.01 9.94 12.10
CA LEU A 344 -0.03 11.39 12.33
C LEU A 344 -0.55 11.78 13.71
N PRO A 345 -1.64 11.19 14.25
CA PRO A 345 -2.04 11.57 15.61
C PRO A 345 -0.98 11.22 16.62
N TYR A 346 -0.34 10.06 16.43
CA TYR A 346 0.69 9.60 17.34
C TYR A 346 1.90 10.52 17.35
N HIS A 347 2.39 10.93 16.17
CA HIS A 347 3.53 11.85 16.15
C HIS A 347 3.16 13.22 16.73
N THR A 348 1.96 13.72 16.43
CA THR A 348 1.53 14.98 17.03
C THR A 348 1.54 14.90 18.56
N LEU A 349 0.77 13.96 19.11
CA LEU A 349 0.65 13.89 20.56
C LEU A 349 1.98 13.53 21.20
N ARG A 350 2.79 12.71 20.54
CA ARG A 350 4.12 12.37 21.06
C ARG A 350 4.97 13.62 21.24
N THR A 351 5.01 14.46 20.20
CA THR A 351 5.75 15.71 20.28
C THR A 351 5.24 16.59 21.41
N VAL A 352 3.91 16.76 21.50
CA VAL A 352 3.41 17.65 22.54
C VAL A 352 3.72 17.10 23.91
N HIS A 353 3.62 15.77 24.08
CA HIS A 353 3.93 15.13 25.33
C HIS A 353 5.39 15.39 25.72
N LEU A 354 6.33 15.09 24.81
CA LEU A 354 7.74 15.38 25.09
C LEU A 354 7.92 16.83 25.47
N THR A 355 7.27 17.74 24.75
CA THR A 355 7.49 19.15 24.93
C THR A 355 7.04 19.62 26.31
N THR A 356 5.89 19.15 26.75
CA THR A 356 5.26 19.64 27.97
C THR A 356 5.57 18.79 29.20
N TRP A 357 6.44 17.79 29.07
CA TRP A 357 6.61 16.79 30.13
C TRP A 357 7.29 17.41 31.36
N LYS A 358 6.81 17.01 32.54
CA LYS A 358 7.42 17.38 33.81
C LYS A 358 7.27 16.22 34.78
N VAL A 359 8.30 15.97 35.59
CA VAL A 359 8.33 14.75 36.41
C VAL A 359 7.25 14.75 37.50
N GLY A 360 6.78 15.91 37.95
CA GLY A 360 5.81 15.92 39.03
C GLY A 360 4.36 15.79 38.59
N LEU A 361 4.06 16.10 37.33
CA LEU A 361 2.68 16.28 36.90
C LEU A 361 2.20 15.04 36.14
N CYS A 362 0.90 14.72 36.28
CA CYS A 362 0.33 13.52 35.65
C CYS A 362 -0.11 13.73 34.20
N LYS A 363 -0.79 14.84 33.86
CA LYS A 363 -1.18 15.10 32.47
C LYS A 363 -2.09 14.02 31.91
N ASP A 364 -3.20 13.73 32.60
CA ASP A 364 -3.91 12.48 32.33
C ASP A 364 -4.58 12.45 30.95
N ARG A 365 -5.24 13.53 30.53
CA ARG A 365 -5.97 13.46 29.26
C ARG A 365 -5.02 13.35 28.08
N LEU A 366 -4.01 14.24 28.03
CA LEU A 366 -3.01 14.19 26.98
C LEU A 366 -2.24 12.87 26.97
N HIS A 367 -1.90 12.36 28.16
CA HIS A 367 -1.13 11.12 28.21
C HIS A 367 -1.98 9.94 27.76
N LYS A 368 -3.28 9.93 28.11
CA LYS A 368 -4.17 8.87 27.64
C LYS A 368 -4.37 8.92 26.14
N ALA A 369 -4.48 10.13 25.58
CA ALA A 369 -4.58 10.27 24.13
C ALA A 369 -3.31 9.73 23.46
N LEU A 370 -2.14 10.05 24.03
CA LEU A 370 -0.91 9.45 23.52
C LEU A 370 -0.95 7.94 23.59
N VAL A 371 -1.43 7.38 24.70
CA VAL A 371 -1.47 5.93 24.85
C VAL A 371 -2.34 5.31 23.76
N ILE A 372 -3.51 5.89 23.49
CA ILE A 372 -4.38 5.30 22.48
C ILE A 372 -3.77 5.45 21.09
N THR A 373 -3.19 6.61 20.77
CA THR A 373 -2.55 6.76 19.46
C THR A 373 -1.30 5.88 19.33
N LEU A 374 -0.59 5.63 20.43
CA LEU A 374 0.51 4.67 20.40
C LEU A 374 0.00 3.28 20.05
N ALA A 375 -1.14 2.88 20.64
CA ALA A 375 -1.77 1.63 20.26
C ALA A 375 -2.10 1.58 18.77
N LEU A 376 -2.52 2.70 18.18
CA LEU A 376 -2.85 2.68 16.75
C LEU A 376 -1.60 2.62 15.86
N ALA A 377 -0.52 3.29 16.30
CA ALA A 377 0.76 3.11 15.62
C ALA A 377 1.19 1.65 15.64
N ALA A 378 1.07 0.98 16.78
CA ALA A 378 1.41 -0.45 16.82
C ALA A 378 0.47 -1.29 15.98
N ALA A 379 -0.84 -0.99 15.98
CA ALA A 379 -1.81 -1.79 15.25
C ALA A 379 -1.58 -1.82 13.75
N ASN A 380 -0.82 -0.85 13.25
CA ASN A 380 -0.53 -0.83 11.83
C ASN A 380 0.04 -2.15 11.37
N ALA A 381 0.79 -2.82 12.24
CA ALA A 381 1.45 -4.06 11.85
C ALA A 381 0.45 -5.17 11.53
N CYS A 382 -0.77 -5.07 12.05
CA CYS A 382 -1.80 -6.04 11.68
C CYS A 382 -2.78 -5.47 10.67
N PHE A 383 -2.73 -4.17 10.42
CA PHE A 383 -3.60 -3.56 9.40
C PHE A 383 -3.09 -3.76 7.97
N ASN A 384 -1.78 -3.83 7.79
CA ASN A 384 -1.13 -3.75 6.49
C ASN A 384 -1.54 -4.81 5.43
N PRO A 385 -1.94 -6.03 5.86
CA PRO A 385 -2.57 -6.99 4.96
C PRO A 385 -3.89 -6.58 4.37
N LEU A 386 -4.65 -5.66 4.98
CA LEU A 386 -5.78 -5.11 4.24
C LEU A 386 -5.32 -4.49 2.94
N LEU A 387 -4.17 -3.80 2.98
CA LEU A 387 -3.53 -3.38 1.75
C LEU A 387 -3.17 -4.57 0.88
N TYR A 388 -2.48 -5.57 1.45
CA TYR A 388 -2.06 -6.73 0.65
C TYR A 388 -3.25 -7.36 -0.08
N TYR A 389 -4.40 -7.44 0.58
CA TYR A 389 -5.60 -8.14 0.12
C TYR A 389 -6.37 -7.33 -0.92
N PHE A 390 -6.64 -6.05 -0.63
CA PHE A 390 -7.45 -5.24 -1.54
C PHE A 390 -6.63 -4.52 -2.61
N ALA A 391 -5.30 -4.58 -2.54
CA ALA A 391 -4.46 -3.86 -3.50
C ALA A 391 -3.19 -4.63 -3.85
N GLY A 392 -3.06 -5.88 -3.43
CA GLY A 392 -1.96 -6.73 -3.87
C GLY A 392 -2.11 -7.06 -5.36
N GLU A 393 -1.24 -7.98 -5.80
CA GLU A 393 -1.21 -8.40 -7.19
C GLU A 393 -1.95 -9.73 -7.27
N ASN A 394 -3.26 -9.66 -7.58
CA ASN A 394 -4.13 -10.83 -7.63
C ASN A 394 -3.99 -11.66 -6.34
N PHE A 395 -4.00 -10.95 -5.20
CA PHE A 395 -3.67 -11.59 -3.93
C PHE A 395 -4.73 -12.60 -3.51
N LYS A 396 -6.01 -12.31 -3.78
CA LYS A 396 -7.08 -13.24 -3.46
C LYS A 396 -6.93 -14.55 -4.24
N ASP A 397 -6.58 -14.44 -5.51
CA ASP A 397 -6.32 -15.62 -6.34
C ASP A 397 -5.18 -16.45 -5.76
N ARG A 398 -4.08 -15.79 -5.43
CA ARG A 398 -2.88 -16.46 -4.96
C ARG A 398 -3.09 -17.10 -3.60
N LEU A 399 -3.86 -16.44 -2.73
CA LEU A 399 -4.24 -17.05 -1.46
C LEU A 399 -5.08 -18.31 -1.68
N LYS A 400 -6.12 -18.22 -2.52
CA LYS A 400 -6.94 -19.39 -2.80
C LYS A 400 -6.11 -20.55 -3.32
N SER A 401 -5.17 -20.26 -4.23
CA SER A 401 -4.31 -21.31 -4.76
C SER A 401 -3.36 -21.87 -3.71
N ALA A 402 -2.85 -21.01 -2.81
CA ALA A 402 -1.88 -21.47 -1.83
C ALA A 402 -2.51 -22.32 -0.74
N LEU A 403 -3.79 -22.09 -0.41
CA LEU A 403 -4.41 -22.89 0.64
C LEU A 403 -5.10 -24.15 0.11
N ARG A 404 -5.50 -24.18 -1.15
CA ARG A 404 -6.21 -25.34 -1.68
C ARG A 404 -5.29 -26.56 -1.73
N LYS A 405 -5.74 -27.64 -1.09
CA LYS A 405 -4.95 -28.87 -0.98
C LYS A 405 -4.83 -29.61 -2.32
#